data_7YF7
#
_entry.id   7YF7
#
loop_
_entity.id
_entity.type
_entity.pdbx_description
1 polymer "DNA (5'-D(*AP*TP*TP*TP*TP*AP*TP*TP*TP*T)-3')"
2 non-polymer 'SODIUM ION'
#
_entity_poly.entity_id   1
_entity_poly.type   'polydeoxyribonucleotide'
_entity_poly.pdbx_seq_one_letter_code
;(DA)(DT)(DT)(DT)(DT)(DA)(DT)(DT)(DT)(DT)
;
_entity_poly.pdbx_strand_id   A
#
loop_
_chem_comp.id
_chem_comp.type
_chem_comp.name
_chem_comp.formula
DA DNA linking 2'-DEOXYADENOSINE-5'-MONOPHOSPHATE 'C10 H14 N5 O6 P'
DT DNA linking THYMIDINE-5'-MONOPHOSPHATE 'C10 H15 N2 O8 P'
NA non-polymer 'SODIUM ION' 'Na 1'
#
# COMPACT_ATOMS: atom_id res chain seq x y z
NA NA B . 4.67 1.71 4.51
NA NA C . -4.36 -2.45 5.25
NA NA D . -5.26 3.53 -8.56
NA NA E . -5.67 -8.29 -1.97
NA NA F . 8.18 3.30 3.17
NA NA G . -6.26 -4.34 -1.33
NA NA H . 1.89 -2.86 7.90
NA NA I . -6.34 -2.41 -9.82
NA NA J . -0.75 4.33 3.05
NA NA B . 4.43 1.78 4.89
NA NA C . 8.10 3.29 3.43
NA NA D . -6.60 -2.55 -9.17
NA NA E . -5.91 -8.49 -1.52
NA NA F . 12.64 2.17 3.13
NA NA G . -5.99 -3.20 1.19
NA NA H . -1.00 4.13 3.19
NA NA I . -6.27 6.18 -7.00
NA NA J . 2.05 -3.41 7.52
NA NA B . 12.06 -0.06 0.30
NA NA C . -1.24 4.21 3.15
NA NA D . -6.63 -2.53 -9.14
NA NA E . -5.91 -3.31 1.12
NA NA F . 8.03 3.55 3.55
NA NA G . -5.78 -8.52 -1.49
NA NA H . 1.94 -3.05 7.55
NA NA I . -6.32 6.13 -7.01
NA NA J . 4.38 2.04 4.87
NA NA B . 12.15 3.10 3.70
NA NA C . 1.71 -2.67 7.76
NA NA D . -5.71 3.32 -8.01
NA NA E . -6.16 -8.33 -2.21
NA NA F . 1.29 2.99 2.35
NA NA G . -6.38 -4.29 -1.83
NA NA H . -4.15 -2.43 5.26
NA NA I . -0.68 7.17 -7.19
NA NA J . 7.53 3.66 3.75
NA NA B . 13.07 -1.48 2.70
NA NA C . 4.27 6.63 0.83
NA NA D . -6.24 -2.45 -9.88
NA NA E . -6.88 -6.52 -1.00
NA NA F . 5.07 2.61 6.28
NA NA G . 8.95 -0.06 -1.42
NA NA H . 1.90 -3.08 7.31
NA NA I . -4.21 3.36 -9.11
NA NA J . -3.86 5.50 -3.74
NA NA B . 12.90 -1.69 2.63
NA NA C . 4.38 6.67 0.63
NA NA D . -3.78 4.24 -9.45
NA NA E . -6.64 -7.15 -0.97
NA NA F . 4.80 2.78 6.12
NA NA G . 8.77 -0.29 -1.54
NA NA H . 1.71 -2.81 7.37
NA NA I . -6.64 -2.17 -9.09
NA NA J . -3.85 5.60 -3.99
NA NA B . 1.77 -2.85 8.00
NA NA C . 8.10 3.28 3.36
NA NA D . -6.99 -2.97 -9.68
NA NA E . -5.75 -8.22 -1.47
NA NA F . 4.49 1.73 4.62
NA NA G . 12.61 2.03 3.25
NA NA H . -4.45 -2.58 5.14
NA NA I . -5.66 3.41 -8.30
NA NA J . -0.84 4.27 2.97
NA NA B . 12.05 -0.11 0.27
NA NA C . 8.02 3.64 3.36
NA NA D . -6.28 -2.32 -9.35
NA NA E . -5.77 -8.47 -1.57
NA NA F . 1.01 -1.45 7.36
NA NA G . -5.90 -3.34 1.15
NA NA H . -1.03 4.10 3.11
NA NA I . -5.09 3.56 -8.49
NA NA J . 4.26 2.31 4.62
NA NA B . 11.30 3.10 6.28
NA NA C . 3.54 6.82 1.22
NA NA D . -6.34 -1.94 -9.10
NA NA E . -3.34 -1.56 4.74
NA NA F . 6.25 2.29 5.47
NA NA G . -6.43 -7.62 -1.16
NA NA H . 1.62 -2.05 7.19
NA NA I . -3.61 4.06 -9.34
NA NA J . -2.01 4.74 0.70
NA NA B . 12.64 -1.01 2.21
NA NA C . 2.45 5.46 2.68
NA NA D . -2.93 -9.14 2.12
NA NA E . -6.07 -7.50 -1.41
NA NA F . 1.22 -2.51 7.43
NA NA G . -7.20 -2.50 -8.76
NA NA H . -3.26 4.10 1.02
NA NA I . -5.99 3.12 -7.49
NA NA J . 5.00 1.81 4.25
NA NA B . -4.28 -2.04 5.27
NA NA C . 4.05 2.43 4.92
NA NA D . -5.66 3.25 -7.93
NA NA E . -6.78 -6.84 -0.91
NA NA F . 8.14 3.27 3.45
NA NA G . 2.59 -7.03 -6.41
NA NA H . -8.02 -5.80 -6.27
NA NA I . 0.08 7.97 -2.41
NA NA J . 2.16 -2.66 7.37
NA NA B . 9.58 -0.74 -1.42
NA NA C . -4.11 5.64 -3.93
NA NA D . -4.30 3.81 -9.45
NA NA E . -6.54 -2.19 -9.04
NA NA F . 4.50 3.04 4.23
NA NA G . -6.25 -7.96 -1.14
NA NA H . 1.96 -1.76 6.98
NA NA I . 3.94 7.51 0.28
NA NA J . -4.43 -1.76 4.61
NA NA B . 4.69 1.52 5.91
NA NA C . -2.11 6.12 -0.71
NA NA D . -6.53 -1.99 -9.02
NA NA E . 13.10 -1.36 2.42
NA NA F . 2.44 -3.55 7.06
NA NA G . -6.64 -7.69 -1.17
NA NA H . -3.97 -1.86 4.96
NA NA I . 4.39 6.40 0.93
NA NA J . -4.23 3.76 -8.74
NA NA B . 13.21 -1.57 1.96
NA NA C . -2.44 6.15 -0.84
NA NA D . -6.60 -2.20 -8.91
NA NA E . 1.96 -1.99 6.98
NA NA F . 4.22 7.58 0.23
NA NA G . -6.37 -8.02 -1.10
NA NA H . -4.45 -1.81 4.59
NA NA I . -4.52 3.69 -8.80
NA NA J . 4.61 2.89 4.14
NA NA B . 13.03 -1.55 2.53
NA NA C . -2.40 6.26 -0.97
NA NA D . -6.78 -2.49 -9.20
NA NA E . -6.62 -7.87 -1.36
NA NA F . 3.98 7.45 0.58
NA NA G . -1.91 -8.54 3.35
NA NA H . 4.75 2.44 4.04
NA NA I . -5.41 3.27 -8.38
NA NA J . 1.21 -1.94 6.93
#